data_7XUA
#
_entry.id   7XUA
#
_cell.length_a   56.552
_cell.length_b   77.844
_cell.length_c   70.094
_cell.angle_alpha   90.000
_cell.angle_beta   91.742
_cell.angle_gamma   90.000
#
_symmetry.space_group_name_H-M   'P 1 21 1'
#
loop_
_entity.id
_entity.type
_entity.pdbx_description
1 polymer 'Histone-lysine N-methyltransferase EHMT2'
2 non-polymer 'ZINC ION'
3 non-polymer SINEFUNGIN
4 non-polymer ~{N}-[(1~{S})-1-(1~{H}-benzimidazol-2-yl)-3-methylsulfanyl-propyl]-3,6,6-trimethyl-4-oxidanylidene-5,7-dihydro-1~{H}-indole-2-carboxamide
5 non-polymer 2-AMINO-2-HYDROXYMETHYL-PROPANE-1,3-DIOL
6 non-polymer 1,2-ETHANEDIOL
7 water water
#
_entity_poly.entity_id   1
_entity_poly.type   'polypeptide(L)'
_entity_poly.pdbx_seq_one_letter_code
;GSNRAIRTEKIICRDVARGYENVPIPCVNGVDGEPCPEDYKYISENCETSTMNIDRNITHLQHCTCVDDCSSSNCLCGQL
SIRCWYDKDGRLLQEFNKIEPPLIFECNQACSCWRNCKNRVVQSGIKVRLQLYRTAKMGWGVRALQTIPQGTFICEYVGE
LISDAEADVREDDSYLFDLDNKDGEVYCIDARYYGNISRFINHLCDPNIIPVRVFMLHQDLRFPRIAFFSSRDIRTGEEL
GFDYGDRFWDIKSKYFTCQCGSEKCKHSAEAIALEQSRLARLD
;
_entity_poly.pdbx_strand_id   A,B
#
# COMPACT_ATOMS: atom_id res chain seq x y z
N ILE A 6 42.16 6.22 17.38
CA ILE A 6 41.44 6.59 16.18
C ILE A 6 40.50 5.45 15.76
N ARG A 7 39.25 5.53 16.22
CA ARG A 7 38.27 4.53 15.83
C ARG A 7 37.83 4.77 14.40
N THR A 8 37.58 3.69 13.68
CA THR A 8 37.13 3.77 12.30
C THR A 8 35.65 3.39 12.21
N GLU A 9 35.04 3.77 11.10
CA GLU A 9 33.59 3.64 10.96
C GLU A 9 33.22 2.23 10.55
N LYS A 10 32.24 1.65 11.24
CA LYS A 10 31.75 0.32 10.95
C LYS A 10 30.37 0.39 10.32
N ILE A 11 30.10 -0.46 9.34
CA ILE A 11 28.76 -0.64 8.82
C ILE A 11 28.08 -1.69 9.69
N ILE A 12 27.05 -1.30 10.41
CA ILE A 12 26.42 -2.22 11.36
C ILE A 12 25.06 -2.69 10.90
N CYS A 13 24.50 -2.14 9.83
CA CYS A 13 23.28 -2.67 9.26
C CYS A 13 23.21 -2.21 7.83
N ARG A 14 22.91 -3.13 6.91
CA ARG A 14 22.82 -2.74 5.51
C ARG A 14 21.50 -2.03 5.20
N ASP A 15 20.45 -2.25 6.00
CA ASP A 15 19.18 -1.58 5.75
C ASP A 15 18.32 -1.67 7.02
N VAL A 16 18.20 -0.56 7.75
CA VAL A 16 17.36 -0.58 8.93
C VAL A 16 15.89 -0.77 8.58
N ALA A 17 15.52 -0.57 7.32
CA ALA A 17 14.14 -0.72 6.89
C ALA A 17 13.80 -2.11 6.39
N ARG A 18 14.77 -3.03 6.35
CA ARG A 18 14.50 -4.43 5.98
C ARG A 18 13.84 -4.55 4.61
N GLY A 19 14.22 -3.66 3.69
CA GLY A 19 13.70 -3.70 2.32
C GLY A 19 12.31 -3.11 2.13
N TYR A 20 11.75 -2.45 3.13
CA TYR A 20 10.40 -1.88 3.02
C TYR A 20 10.35 -0.51 2.34
N GLU A 21 11.47 0.17 2.17
CA GLU A 21 11.50 1.43 1.43
C GLU A 21 12.00 1.17 0.01
N ASN A 22 11.88 2.21 -0.83
CA ASN A 22 12.35 2.08 -2.21
C ASN A 22 13.86 1.86 -2.28
N VAL A 23 14.58 2.32 -1.26
CA VAL A 23 16.04 2.24 -1.21
C VAL A 23 16.44 1.72 0.16
N PRO A 24 17.62 1.13 0.27
CA PRO A 24 18.13 0.74 1.59
C PRO A 24 18.52 1.97 2.40
N ILE A 25 18.50 1.82 3.72
CA ILE A 25 18.92 2.89 4.63
C ILE A 25 19.94 2.29 5.59
N PRO A 26 21.21 2.26 5.22
CA PRO A 26 22.21 1.61 6.08
C PRO A 26 22.49 2.42 7.33
N CYS A 27 23.09 1.75 8.31
CA CYS A 27 23.46 2.34 9.58
C CYS A 27 24.96 2.11 9.83
N VAL A 28 25.68 3.17 10.17
CA VAL A 28 27.11 3.09 10.46
C VAL A 28 27.39 3.73 11.81
N ASN A 29 28.51 3.34 12.41
CA ASN A 29 28.95 3.93 13.67
C ASN A 29 30.46 4.11 13.60
N GLY A 30 30.92 5.36 13.72
CA GLY A 30 32.34 5.64 13.78
C GLY A 30 32.73 6.40 15.03
N VAL A 31 31.81 6.50 15.98
CA VAL A 31 31.96 7.37 17.15
C VAL A 31 32.16 6.59 18.43
N ASP A 32 31.29 5.60 18.70
CA ASP A 32 31.37 4.84 19.95
C ASP A 32 31.01 3.38 19.63
N GLY A 33 30.72 2.62 20.69
CA GLY A 33 30.42 1.21 20.57
C GLY A 33 28.95 0.87 20.50
N GLU A 34 28.08 1.86 20.39
CA GLU A 34 26.66 1.62 20.36
C GLU A 34 26.29 0.77 19.15
N PRO A 35 25.63 -0.36 19.34
CA PRO A 35 25.25 -1.20 18.20
C PRO A 35 24.03 -0.64 17.50
N CYS A 36 23.66 -1.28 16.39
CA CYS A 36 22.48 -0.86 15.64
C CYS A 36 21.28 -0.81 16.56
N PRO A 37 20.57 0.31 16.62
CA PRO A 37 19.41 0.41 17.53
C PRO A 37 18.35 -0.64 17.21
N GLU A 38 17.88 -1.34 18.25
CA GLU A 38 16.86 -2.36 18.09
C GLU A 38 15.77 -2.24 19.15
N ASP A 39 15.71 -1.12 19.87
N ASP A 39 15.71 -1.12 19.86
CA ASP A 39 14.71 -0.89 20.89
CA ASP A 39 14.71 -0.90 20.90
C ASP A 39 13.43 -0.30 20.31
C ASP A 39 13.40 -0.36 20.34
N TYR A 40 13.09 -0.66 19.08
CA TYR A 40 11.90 -0.18 18.40
C TYR A 40 11.65 -1.11 17.22
N LYS A 41 10.47 -0.97 16.62
CA LYS A 41 10.09 -1.75 15.44
C LYS A 41 10.03 -0.83 14.23
N TYR A 42 10.85 -1.10 13.22
CA TYR A 42 10.82 -0.27 12.02
C TYR A 42 9.59 -0.63 11.21
N ILE A 43 8.80 0.39 10.88
CA ILE A 43 7.64 0.25 10.00
C ILE A 43 7.72 1.36 8.97
N SER A 44 7.36 1.05 7.72
CA SER A 44 7.44 2.03 6.66
C SER A 44 6.20 2.91 6.56
N GLU A 45 5.08 2.49 7.16
CA GLU A 45 3.87 3.27 7.12
C GLU A 45 3.26 3.31 8.51
N ASN A 46 2.46 4.34 8.78
CA ASN A 46 1.87 4.52 10.11
C ASN A 46 1.10 3.27 10.53
N CYS A 47 1.13 2.96 11.82
CA CYS A 47 0.39 1.84 12.35
C CYS A 47 -0.61 2.30 13.39
N GLU A 48 -1.49 1.39 13.77
CA GLU A 48 -2.42 1.56 14.87
C GLU A 48 -2.20 0.45 15.88
N THR A 49 -2.41 0.76 17.16
CA THR A 49 -2.44 -0.24 18.22
C THR A 49 -3.75 -0.24 18.97
N SER A 50 -4.65 0.68 18.63
CA SER A 50 -6.05 0.61 18.98
C SER A 50 -6.78 1.33 17.85
N THR A 51 -8.09 1.19 17.81
CA THR A 51 -8.87 1.65 16.66
C THR A 51 -8.86 3.17 16.57
N MET A 52 -8.38 3.72 15.45
CA MET A 52 -8.53 5.15 15.20
C MET A 52 -9.76 5.50 14.33
N ASN A 53 -10.43 4.51 13.75
CA ASN A 53 -11.63 4.73 12.94
C ASN A 53 -11.39 5.79 11.87
N ILE A 54 -10.28 5.64 11.14
CA ILE A 54 -9.96 6.55 10.06
C ILE A 54 -11.02 6.40 8.97
N ASP A 55 -11.54 7.53 8.49
CA ASP A 55 -12.54 7.52 7.42
C ASP A 55 -11.86 7.10 6.13
N ARG A 56 -12.09 5.85 5.71
CA ARG A 56 -11.55 5.38 4.43
C ARG A 56 -12.64 5.09 3.40
N ASN A 57 -13.82 5.69 3.55
CA ASN A 57 -14.91 5.54 2.57
C ASN A 57 -14.50 6.21 1.26
N ILE A 58 -14.33 5.40 0.20
CA ILE A 58 -13.80 5.93 -1.05
C ILE A 58 -14.69 7.03 -1.61
N THR A 59 -15.98 7.00 -1.29
CA THR A 59 -16.89 8.02 -1.79
C THR A 59 -16.75 9.34 -1.06
N HIS A 60 -16.03 9.39 0.06
CA HIS A 60 -15.79 10.67 0.71
C HIS A 60 -14.56 11.37 0.15
N LEU A 61 -13.81 10.73 -0.74
CA LEU A 61 -12.64 11.38 -1.34
C LEU A 61 -13.09 12.45 -2.32
N GLN A 62 -12.68 13.68 -2.08
CA GLN A 62 -12.66 14.65 -3.17
C GLN A 62 -11.53 14.24 -4.12
N HIS A 63 -11.76 14.45 -5.41
CA HIS A 63 -10.88 13.87 -6.42
C HIS A 63 -11.04 14.69 -7.69
N CYS A 64 -10.06 14.57 -8.58
CA CYS A 64 -10.04 15.34 -9.81
C CYS A 64 -10.48 14.49 -10.99
N THR A 65 -10.85 15.18 -12.08
CA THR A 65 -11.30 14.53 -13.29
C THR A 65 -10.32 14.73 -14.45
N CYS A 66 -9.05 14.95 -14.11
CA CYS A 66 -8.01 15.25 -15.08
C CYS A 66 -7.66 14.04 -15.94
N VAL A 67 -7.58 14.27 -17.26
CA VAL A 67 -6.93 13.30 -18.14
C VAL A 67 -5.44 13.60 -18.30
N ASP A 68 -5.05 14.87 -18.22
CA ASP A 68 -3.64 15.26 -18.32
C ASP A 68 -2.85 14.74 -17.10
N ASP A 69 -1.61 15.19 -16.98
CA ASP A 69 -0.75 14.78 -15.87
C ASP A 69 -1.04 15.55 -14.58
N CYS A 70 -2.22 16.18 -14.50
CA CYS A 70 -2.62 16.97 -13.34
C CYS A 70 -1.69 18.16 -13.09
N SER A 71 -1.32 18.84 -14.17
CA SER A 71 -0.57 20.08 -14.09
C SER A 71 -1.42 21.32 -14.32
N SER A 72 -2.67 21.16 -14.76
CA SER A 72 -3.52 22.31 -15.01
C SER A 72 -4.18 22.77 -13.72
N SER A 73 -4.60 24.04 -13.72
CA SER A 73 -5.38 24.63 -12.64
C SER A 73 -6.82 24.14 -12.62
N ASN A 74 -7.19 23.19 -13.48
CA ASN A 74 -8.49 22.54 -13.36
C ASN A 74 -8.46 21.38 -12.37
N CYS A 75 -7.27 20.93 -11.99
CA CYS A 75 -7.14 19.79 -11.08
C CYS A 75 -7.69 20.16 -9.72
N LEU A 76 -8.84 19.59 -9.36
CA LEU A 76 -9.46 19.89 -8.07
C LEU A 76 -8.52 19.58 -6.92
N CYS A 77 -7.69 18.55 -7.08
CA CYS A 77 -6.75 18.20 -6.01
C CYS A 77 -5.72 19.30 -5.80
N GLY A 78 -5.15 19.83 -6.88
CA GLY A 78 -4.38 21.06 -6.76
C GLY A 78 -5.16 22.16 -6.08
N GLN A 79 -6.43 22.34 -6.46
CA GLN A 79 -7.23 23.42 -5.92
C GLN A 79 -7.49 23.24 -4.43
N LEU A 80 -7.74 22.01 -3.98
CA LEU A 80 -7.87 21.75 -2.55
C LEU A 80 -6.59 22.12 -1.81
N SER A 81 -5.45 22.06 -2.50
CA SER A 81 -4.15 22.40 -1.94
C SER A 81 -3.75 23.83 -2.22
N ILE A 82 -4.72 24.68 -2.59
CA ILE A 82 -4.56 26.03 -3.16
C ILE A 82 -4.10 25.90 -4.61
N ARG A 83 -2.92 25.32 -4.80
CA ARG A 83 -2.43 24.89 -6.11
C ARG A 83 -1.58 23.65 -5.90
N CYS A 84 -1.26 22.96 -7.00
CA CYS A 84 -0.23 21.94 -6.89
C CYS A 84 1.12 22.62 -6.76
N TRP A 85 1.85 22.29 -5.69
CA TRP A 85 3.11 22.93 -5.37
C TRP A 85 4.33 22.18 -5.89
N TYR A 86 4.12 21.07 -6.60
CA TYR A 86 5.21 20.26 -7.11
C TYR A 86 5.55 20.68 -8.53
N ASP A 87 6.83 20.94 -8.79
CA ASP A 87 7.25 21.27 -10.15
C ASP A 87 7.37 19.98 -10.96
N LYS A 88 7.87 20.09 -12.19
CA LYS A 88 7.93 18.95 -13.11
C LYS A 88 8.73 17.79 -12.52
N ASP A 89 9.65 18.07 -11.61
CA ASP A 89 10.53 17.07 -11.02
C ASP A 89 10.05 16.59 -9.65
N GLY A 90 8.90 17.07 -9.19
CA GLY A 90 8.37 16.64 -7.92
C GLY A 90 8.84 17.44 -6.73
N ARG A 91 9.33 18.66 -6.93
CA ARG A 91 9.85 19.48 -5.84
C ARG A 91 8.89 20.62 -5.53
N LEU A 92 8.88 21.03 -4.26
CA LEU A 92 8.05 22.16 -3.88
C LEU A 92 8.55 23.43 -4.55
N LEU A 93 7.61 24.25 -5.01
CA LEU A 93 7.96 25.53 -5.61
C LEU A 93 8.67 26.41 -4.58
N GLN A 94 9.58 27.26 -5.08
CA GLN A 94 10.35 28.12 -4.19
C GLN A 94 9.46 29.02 -3.35
N GLU A 95 8.32 29.45 -3.88
CA GLU A 95 7.42 30.32 -3.12
C GLU A 95 6.51 29.55 -2.16
N PHE A 96 6.74 28.26 -1.96
CA PHE A 96 6.01 27.52 -0.94
C PHE A 96 6.22 28.19 0.43
N ASN A 97 5.12 28.37 1.15
CA ASN A 97 5.17 28.99 2.47
C ASN A 97 5.75 27.98 3.46
N LYS A 98 6.99 28.21 3.89
CA LYS A 98 7.62 27.31 4.84
C LYS A 98 7.25 27.62 6.28
N ILE A 99 6.90 28.87 6.57
CA ILE A 99 6.45 29.22 7.91
C ILE A 99 5.09 28.61 8.19
N GLU A 100 4.14 28.81 7.28
CA GLU A 100 2.77 28.30 7.40
C GLU A 100 2.46 27.50 6.14
N PRO A 101 2.87 26.24 6.07
CA PRO A 101 2.61 25.44 4.87
C PRO A 101 1.13 25.18 4.71
N PRO A 102 0.63 25.18 3.48
CA PRO A 102 -0.75 24.74 3.24
C PRO A 102 -0.85 23.23 3.36
N LEU A 103 -2.07 22.77 3.62
CA LEU A 103 -2.34 21.34 3.51
C LEU A 103 -2.19 20.93 2.06
N ILE A 104 -1.54 19.79 1.82
CA ILE A 104 -1.40 19.25 0.47
C ILE A 104 -2.34 18.07 0.29
N PHE A 105 -3.14 18.10 -0.78
CA PHE A 105 -4.00 17.00 -1.17
C PHE A 105 -3.43 16.40 -2.45
N GLU A 106 -2.81 15.24 -2.31
CA GLU A 106 -2.31 14.51 -3.46
C GLU A 106 -3.46 13.79 -4.16
N CYS A 107 -3.21 13.40 -5.41
CA CYS A 107 -4.22 12.61 -6.09
C CYS A 107 -4.33 11.22 -5.42
N ASN A 108 -5.46 10.56 -5.67
CA ASN A 108 -5.83 9.38 -4.93
C ASN A 108 -6.50 8.37 -5.86
N GLN A 109 -6.94 7.25 -5.27
CA GLN A 109 -7.52 6.15 -6.04
C GLN A 109 -8.86 6.52 -6.68
N ALA A 110 -9.50 7.61 -6.24
CA ALA A 110 -10.75 8.06 -6.86
C ALA A 110 -10.53 8.99 -8.05
N CYS A 111 -9.36 9.59 -8.17
CA CYS A 111 -9.10 10.47 -9.29
C CYS A 111 -9.11 9.69 -10.60
N SER A 112 -9.45 10.39 -11.68
CA SER A 112 -9.40 9.77 -12.99
C SER A 112 -8.00 9.74 -13.58
N CYS A 113 -7.04 10.42 -12.96
CA CYS A 113 -5.69 10.48 -13.51
C CYS A 113 -4.95 9.17 -13.26
N TRP A 114 -3.76 9.07 -13.86
CA TRP A 114 -2.92 7.90 -13.67
C TRP A 114 -2.08 8.04 -12.41
N ARG A 115 -1.55 6.90 -11.96
CA ARG A 115 -0.72 6.80 -10.76
C ARG A 115 0.60 7.55 -10.90
N ASN A 116 1.00 7.94 -12.10
CA ASN A 116 2.24 8.68 -12.31
C ASN A 116 2.02 10.16 -12.59
N CYS A 117 0.84 10.70 -12.28
CA CYS A 117 0.65 12.13 -12.50
C CYS A 117 1.52 12.93 -11.52
N LYS A 118 1.57 14.24 -11.74
CA LYS A 118 2.53 15.10 -11.04
C LYS A 118 2.11 15.44 -9.61
N ASN A 119 1.03 14.85 -9.11
CA ASN A 119 0.56 15.21 -7.78
C ASN A 119 0.59 13.99 -6.86
N ARG A 120 1.73 13.28 -6.82
CA ARG A 120 1.81 12.03 -6.07
C ARG A 120 3.22 11.84 -5.50
N VAL A 121 3.84 12.93 -5.07
CA VAL A 121 5.25 12.86 -4.68
C VAL A 121 5.42 12.07 -3.37
N VAL A 122 4.66 12.42 -2.33
CA VAL A 122 4.85 11.78 -1.04
C VAL A 122 4.41 10.32 -1.11
N GLN A 123 3.34 10.03 -1.84
CA GLN A 123 2.88 8.65 -1.86
C GLN A 123 3.83 7.73 -2.60
N SER A 124 4.77 8.28 -3.37
CA SER A 124 5.71 7.42 -4.09
C SER A 124 6.91 7.00 -3.24
N GLY A 125 7.07 7.55 -2.04
CA GLY A 125 8.05 7.06 -1.09
C GLY A 125 9.42 7.70 -1.22
N ILE A 126 10.37 7.12 -0.49
CA ILE A 126 11.70 7.72 -0.39
C ILE A 126 12.46 7.50 -1.69
N LYS A 127 13.08 8.56 -2.20
CA LYS A 127 13.97 8.46 -3.36
C LYS A 127 15.41 8.90 -3.08
N VAL A 128 15.65 9.71 -2.06
CA VAL A 128 17.01 10.16 -1.77
C VAL A 128 17.72 9.11 -0.93
N ARG A 129 19.04 9.09 -1.04
CA ARG A 129 19.85 8.15 -0.27
C ARG A 129 20.22 8.80 1.05
N LEU A 130 19.83 8.16 2.16
CA LEU A 130 20.05 8.60 3.52
C LEU A 130 20.85 7.56 4.28
N GLN A 131 21.46 7.99 5.38
CA GLN A 131 22.23 7.06 6.19
C GLN A 131 22.01 7.38 7.66
N LEU A 132 21.67 6.36 8.43
CA LEU A 132 21.63 6.48 9.88
C LEU A 132 23.05 6.37 10.40
N TYR A 133 23.46 7.33 11.23
CA TYR A 133 24.86 7.31 11.67
C TYR A 133 24.96 7.82 13.10
N ARG A 134 26.07 7.47 13.75
CA ARG A 134 26.32 7.91 15.11
C ARG A 134 26.94 9.29 15.08
N THR A 135 26.29 10.26 15.72
CA THR A 135 26.84 11.61 15.78
C THR A 135 27.72 11.75 17.01
N ALA A 136 28.40 12.91 17.12
CA ALA A 136 29.33 13.12 18.21
C ALA A 136 28.61 13.32 19.55
N LYS A 137 27.54 14.13 19.56
CA LYS A 137 26.95 14.55 20.82
C LYS A 137 25.44 14.39 20.89
N MET A 138 24.79 13.95 19.80
CA MET A 138 23.34 13.86 19.74
C MET A 138 22.84 12.44 19.55
N GLY A 139 23.67 11.43 19.83
CA GLY A 139 23.23 10.05 19.62
C GLY A 139 23.16 9.71 18.14
N TRP A 140 22.09 9.00 17.76
CA TRP A 140 21.88 8.67 16.35
C TRP A 140 21.35 9.87 15.59
N GLY A 141 21.75 9.98 14.31
CA GLY A 141 21.27 11.02 13.43
C GLY A 141 21.13 10.45 12.02
N VAL A 142 20.61 11.30 11.13
CA VAL A 142 20.37 10.92 9.74
C VAL A 142 21.05 11.96 8.85
N ARG A 143 21.88 11.49 7.92
CA ARG A 143 22.59 12.39 7.03
C ARG A 143 22.40 11.96 5.57
N ALA A 144 22.65 12.91 4.68
CA ALA A 144 22.47 12.68 3.25
C ALA A 144 23.69 11.99 2.66
N LEU A 145 23.45 11.07 1.74
CA LEU A 145 24.51 10.39 0.99
C LEU A 145 24.70 10.99 -0.40
N GLN A 146 24.07 12.12 -0.67
CA GLN A 146 24.07 12.71 -1.98
C GLN A 146 23.61 14.14 -1.86
N THR A 147 23.88 14.91 -2.90
CA THR A 147 23.28 16.22 -3.00
C THR A 147 21.77 16.07 -3.08
N ILE A 148 21.07 16.86 -2.27
CA ILE A 148 19.61 16.90 -2.31
C ILE A 148 19.18 18.33 -2.63
N PRO A 149 18.73 18.61 -3.86
CA PRO A 149 18.27 19.97 -4.18
C PRO A 149 17.13 20.40 -3.28
N GLN A 150 17.03 21.71 -3.08
CA GLN A 150 15.94 22.30 -2.31
C GLN A 150 14.59 21.85 -2.84
N GLY A 151 13.64 21.63 -1.92
CA GLY A 151 12.30 21.24 -2.27
C GLY A 151 12.07 19.75 -2.46
N THR A 152 13.09 18.92 -2.24
CA THR A 152 12.95 17.49 -2.45
C THR A 152 12.27 16.82 -1.27
N PHE A 153 11.32 15.94 -1.56
CA PHE A 153 10.77 15.07 -0.51
C PHE A 153 11.87 14.15 0.01
N ILE A 154 11.98 14.08 1.33
CA ILE A 154 13.00 13.26 1.99
C ILE A 154 12.38 11.98 2.53
N CYS A 155 11.46 12.11 3.47
CA CYS A 155 10.84 10.96 4.11
C CYS A 155 9.65 11.45 4.92
N GLU A 156 8.81 10.52 5.32
CA GLU A 156 7.61 10.77 6.10
C GLU A 156 7.90 10.49 7.57
N TYR A 157 7.29 11.28 8.45
CA TYR A 157 7.37 11.00 9.89
C TYR A 157 6.36 9.89 10.19
N VAL A 158 6.84 8.67 10.36
CA VAL A 158 5.99 7.49 10.49
C VAL A 158 6.07 6.93 11.91
N GLY A 159 4.93 6.55 12.46
CA GLY A 159 4.90 5.93 13.75
C GLY A 159 3.54 5.39 14.12
N GLU A 160 3.26 5.38 15.41
CA GLU A 160 2.04 4.83 15.97
C GLU A 160 1.04 5.96 16.21
N LEU A 161 -0.15 5.84 15.60
CA LEU A 161 -1.19 6.84 15.75
C LEU A 161 -1.85 6.69 17.11
N ILE A 162 -1.80 7.75 17.94
CA ILE A 162 -2.38 7.72 19.28
C ILE A 162 -3.15 9.00 19.53
N SER A 163 -4.08 8.92 20.47
CA SER A 163 -4.90 10.07 20.81
C SER A 163 -4.11 11.03 21.70
N ASP A 164 -4.66 12.24 21.83
CA ASP A 164 -4.13 13.21 22.77
C ASP A 164 -4.07 12.63 24.17
N ALA A 165 -5.11 11.91 24.59
CA ALA A 165 -5.15 11.33 25.92
C ALA A 165 -4.04 10.32 26.10
N GLU A 166 -3.85 9.45 25.12
CA GLU A 166 -2.81 8.43 25.21
C GLU A 166 -1.42 9.06 25.27
N ALA A 167 -1.23 10.19 24.61
CA ALA A 167 0.10 10.81 24.60
C ALA A 167 0.45 11.36 25.98
N ASP A 168 -0.53 11.95 26.67
CA ASP A 168 -0.27 12.51 28.00
C ASP A 168 0.10 11.42 29.00
N VAL A 169 -0.40 10.20 28.80
CA VAL A 169 -0.11 9.13 29.75
C VAL A 169 1.32 8.64 29.58
N ARG A 170 1.82 8.62 28.36
CA ARG A 170 3.12 8.00 28.11
C ARG A 170 4.26 8.84 28.65
N GLU A 171 5.33 8.15 29.06
CA GLU A 171 6.45 8.77 29.75
C GLU A 171 7.50 9.34 28.80
N ASP A 172 7.84 8.62 27.73
CA ASP A 172 8.89 9.05 26.81
C ASP A 172 8.24 9.76 25.63
N ASP A 173 8.46 11.07 25.53
CA ASP A 173 7.92 11.88 24.44
C ASP A 173 9.02 12.35 23.48
N SER A 174 10.17 11.67 23.46
CA SER A 174 11.29 12.04 22.60
C SER A 174 11.05 11.71 21.14
N TYR A 175 10.02 10.93 20.83
CA TYR A 175 9.71 10.51 19.46
C TYR A 175 8.27 10.83 19.14
N LEU A 176 7.71 11.84 19.79
CA LEU A 176 6.31 12.19 19.68
C LEU A 176 6.20 13.41 18.79
N PHE A 177 5.47 13.27 17.67
CA PHE A 177 5.16 14.37 16.77
C PHE A 177 3.69 14.72 16.96
N ASP A 178 3.44 15.95 17.41
CA ASP A 178 2.08 16.43 17.61
C ASP A 178 1.57 16.97 16.28
N LEU A 179 0.47 16.40 15.77
CA LEU A 179 -0.08 16.84 14.50
C LEU A 179 -0.62 18.27 14.56
N ASP A 180 -0.78 18.83 15.76
CA ASP A 180 -1.16 20.24 15.95
C ASP A 180 -2.49 20.54 15.28
N ASN A 181 -3.44 19.62 15.41
CA ASN A 181 -4.80 19.87 14.94
C ASN A 181 -5.37 21.07 15.68
N LYS A 182 -5.65 22.14 14.94
CA LYS A 182 -6.17 23.37 15.52
C LYS A 182 -7.69 23.40 15.58
N ASP A 183 -8.36 22.36 15.07
CA ASP A 183 -9.82 22.35 15.04
C ASP A 183 -10.39 21.32 16.00
N GLY A 184 -10.44 20.06 15.58
CA GLY A 184 -11.15 19.04 16.34
C GLY A 184 -10.30 18.07 17.12
N GLU A 185 -10.57 16.77 16.97
CA GLU A 185 -9.89 15.75 17.76
C GLU A 185 -8.38 15.84 17.56
N VAL A 186 -7.64 15.69 18.65
CA VAL A 186 -6.19 15.83 18.65
C VAL A 186 -5.57 14.44 18.67
N TYR A 187 -4.66 14.19 17.71
CA TYR A 187 -3.92 12.94 17.63
C TYR A 187 -2.44 13.23 17.48
N CYS A 188 -1.63 12.21 17.75
CA CYS A 188 -0.18 12.32 17.67
C CYS A 188 0.36 11.12 16.93
N ILE A 189 1.54 11.29 16.36
CA ILE A 189 2.35 10.20 15.84
C ILE A 189 3.48 9.96 16.84
N ASP A 190 3.49 8.79 17.48
CA ASP A 190 4.52 8.42 18.46
C ASP A 190 5.41 7.35 17.85
N ALA A 191 6.66 7.72 17.56
CA ALA A 191 7.60 6.80 16.96
C ALA A 191 8.51 6.12 17.99
N ARG A 192 8.12 6.13 19.27
CA ARG A 192 8.95 5.50 20.30
C ARG A 192 9.07 3.99 20.07
N TYR A 193 7.92 3.30 19.97
CA TYR A 193 7.86 1.85 19.84
C TYR A 193 7.80 1.38 18.40
N TYR A 194 7.07 2.10 17.54
CA TYR A 194 6.99 1.79 16.11
C TYR A 194 7.33 3.06 15.35
N GLY A 195 8.30 2.99 14.43
CA GLY A 195 8.62 4.18 13.65
C GLY A 195 9.53 3.85 12.48
N ASN A 196 9.78 4.86 11.64
CA ASN A 196 10.67 4.73 10.50
C ASN A 196 11.92 5.58 10.69
N ILE A 197 12.62 5.87 9.59
CA ILE A 197 13.90 6.57 9.68
C ILE A 197 13.76 7.95 10.31
N SER A 198 12.56 8.54 10.23
CA SER A 198 12.37 9.91 10.72
C SER A 198 12.55 10.02 12.22
N ARG A 199 12.34 8.93 12.96
CA ARG A 199 12.47 8.96 14.40
C ARG A 199 13.89 9.31 14.83
N PHE A 200 14.86 9.16 13.93
CA PHE A 200 16.25 9.44 14.25
C PHE A 200 16.69 10.84 13.81
N ILE A 201 15.84 11.61 13.15
CA ILE A 201 16.25 12.94 12.67
C ILE A 201 16.35 13.89 13.86
N ASN A 202 17.52 14.50 14.04
CA ASN A 202 17.74 15.35 15.19
C ASN A 202 17.21 16.75 14.94
N HIS A 203 17.23 17.58 15.99
CA HIS A 203 16.87 18.98 15.85
C HIS A 203 18.09 19.79 15.41
N LEU A 204 17.85 20.76 14.52
CA LEU A 204 18.88 21.74 14.14
C LEU A 204 18.28 23.13 14.19
N CYS A 205 19.00 24.07 14.81
CA CYS A 205 18.54 25.45 14.84
C CYS A 205 18.66 26.13 13.49
N ASP A 206 19.57 25.66 12.64
CA ASP A 206 19.60 26.04 11.25
C ASP A 206 19.06 24.87 10.43
N PRO A 207 17.76 24.56 10.51
CA PRO A 207 17.26 23.30 9.95
C PRO A 207 17.29 23.32 8.43
N ASN A 208 17.36 22.12 7.85
CA ASN A 208 17.39 21.99 6.40
C ASN A 208 16.22 21.20 5.84
N ILE A 209 15.25 20.79 6.67
CA ILE A 209 14.01 20.18 6.21
C ILE A 209 12.86 20.76 7.01
N ILE A 210 11.66 20.71 6.41
CA ILE A 210 10.44 21.24 7.03
C ILE A 210 9.31 20.21 6.96
N PRO A 211 8.47 20.11 7.98
CA PRO A 211 7.33 19.19 7.92
C PRO A 211 6.12 19.83 7.26
N VAL A 212 5.44 19.03 6.44
CA VAL A 212 4.28 19.45 5.66
C VAL A 212 3.18 18.41 5.85
N ARG A 213 1.95 18.88 6.05
CA ARG A 213 0.83 18.00 6.30
C ARG A 213 0.18 17.61 4.98
N VAL A 214 0.11 16.31 4.70
CA VAL A 214 -0.31 15.79 3.41
C VAL A 214 -1.43 14.77 3.59
N PHE A 215 -2.35 14.74 2.62
CA PHE A 215 -3.39 13.72 2.51
C PHE A 215 -3.22 12.96 1.20
N MET A 216 -3.36 11.65 1.28
CA MET A 216 -3.13 10.80 0.11
C MET A 216 -4.29 9.83 -0.08
N LEU A 217 -4.24 8.64 0.53
CA LEU A 217 -5.25 7.62 0.26
C LEU A 217 -6.55 7.88 0.99
N HIS A 218 -6.55 8.73 2.00
CA HIS A 218 -7.76 9.13 2.72
C HIS A 218 -7.72 10.64 2.93
N GLN A 219 -8.85 11.19 3.36
CA GLN A 219 -8.95 12.62 3.62
C GLN A 219 -9.61 12.86 4.96
N ASP A 220 -9.37 11.97 5.92
CA ASP A 220 -9.75 12.19 7.30
C ASP A 220 -8.87 13.31 7.86
N LEU A 221 -9.45 14.50 8.06
CA LEU A 221 -8.68 15.66 8.48
C LEU A 221 -8.10 15.53 9.88
N ARG A 222 -8.57 14.56 10.67
CA ARG A 222 -7.96 14.30 11.96
C ARG A 222 -6.56 13.71 11.82
N PHE A 223 -6.25 13.07 10.68
CA PHE A 223 -5.01 12.30 10.52
C PHE A 223 -4.24 12.74 9.29
N PRO A 224 -3.74 13.97 9.26
CA PRO A 224 -2.76 14.33 8.23
C PRO A 224 -1.51 13.48 8.39
N ARG A 225 -0.83 13.22 7.28
CA ARG A 225 0.45 12.56 7.31
C ARG A 225 1.54 13.62 7.17
N ILE A 226 2.66 13.40 7.86
CA ILE A 226 3.71 14.42 7.99
C ILE A 226 4.83 14.10 7.01
N ALA A 227 5.10 15.00 6.09
CA ALA A 227 6.09 14.80 5.03
C ALA A 227 7.21 15.82 5.16
N PHE A 228 8.45 15.33 5.18
CA PHE A 228 9.61 16.21 5.26
C PHE A 228 10.14 16.51 3.85
N PHE A 229 10.21 17.79 3.52
CA PHE A 229 10.82 18.28 2.29
C PHE A 229 12.02 19.13 2.64
N SER A 230 13.05 19.12 1.80
CA SER A 230 14.20 19.99 2.07
C SER A 230 13.80 21.45 1.90
N SER A 231 14.43 22.31 2.71
CA SER A 231 14.22 23.76 2.67
C SER A 231 15.38 24.51 2.04
N ARG A 232 16.43 23.80 1.64
CA ARG A 232 17.57 24.38 0.96
C ARG A 232 18.33 23.22 0.33
N ASP A 233 19.24 23.55 -0.58
CA ASP A 233 20.13 22.52 -1.11
C ASP A 233 20.93 21.90 0.02
N ILE A 234 21.11 20.58 -0.04
CA ILE A 234 21.82 19.82 0.98
C ILE A 234 22.95 19.08 0.29
N ARG A 235 24.16 19.21 0.83
CA ARG A 235 25.31 18.52 0.26
C ARG A 235 25.52 17.18 0.92
N THR A 236 26.20 16.29 0.21
CA THR A 236 26.55 14.99 0.76
C THR A 236 27.22 15.14 2.12
N GLY A 237 26.80 14.30 3.06
CA GLY A 237 27.36 14.30 4.39
C GLY A 237 26.64 15.20 5.38
N GLU A 238 25.79 16.10 4.93
CA GLU A 238 25.14 17.03 5.84
C GLU A 238 24.09 16.31 6.67
N GLU A 239 24.06 16.61 7.96
CA GLU A 239 23.04 16.02 8.82
C GLU A 239 21.70 16.65 8.52
N LEU A 240 20.67 15.82 8.37
CA LEU A 240 19.30 16.30 8.24
C LEU A 240 18.76 16.68 9.60
N GLY A 241 17.95 17.73 9.62
CA GLY A 241 17.34 18.15 10.86
C GLY A 241 16.23 19.16 10.66
N PHE A 242 15.22 19.13 11.51
CA PHE A 242 14.16 20.11 11.47
C PHE A 242 14.05 20.81 12.82
N ASP A 243 13.20 21.83 12.86
CA ASP A 243 12.99 22.62 14.06
C ASP A 243 11.90 21.95 14.90
N TYR A 244 12.31 21.31 16.00
CA TYR A 244 11.35 20.71 16.91
C TYR A 244 10.35 21.73 17.46
N GLY A 245 10.69 23.01 17.41
CA GLY A 245 9.83 24.05 17.95
C GLY A 245 10.30 24.52 19.31
N ASP A 246 9.95 25.76 19.64
CA ASP A 246 10.33 26.32 20.94
C ASP A 246 9.74 25.53 22.10
N ARG A 247 8.52 24.99 21.92
CA ARG A 247 7.86 24.29 23.01
C ARG A 247 8.64 23.06 23.46
N PHE A 248 9.36 22.43 22.54
CA PHE A 248 10.21 21.30 22.89
C PHE A 248 11.35 21.74 23.80
N TRP A 249 12.21 22.64 23.31
CA TRP A 249 13.40 23.02 24.06
C TRP A 249 13.06 23.76 25.34
N ASP A 250 11.92 24.43 25.38
CA ASP A 250 11.47 25.03 26.64
C ASP A 250 11.23 23.98 27.71
N ILE A 251 11.04 22.72 27.30
CA ILE A 251 10.91 21.62 28.25
C ILE A 251 12.24 20.93 28.51
N LYS A 252 12.96 20.55 27.44
CA LYS A 252 14.11 19.65 27.55
C LYS A 252 15.40 20.34 28.00
N SER A 253 15.43 21.67 28.07
CA SER A 253 16.68 22.37 28.34
C SER A 253 17.24 22.09 29.73
N LYS A 254 16.40 21.68 30.69
CA LYS A 254 16.91 21.37 32.03
C LYS A 254 17.76 20.12 32.04
N TYR A 255 17.47 19.17 31.14
CA TYR A 255 18.14 17.87 31.11
C TYR A 255 19.26 17.82 30.08
N PHE A 256 19.04 18.40 28.91
CA PHE A 256 20.08 18.55 27.90
C PHE A 256 19.82 19.83 27.12
N THR A 257 20.88 20.38 26.54
CA THR A 257 20.78 21.56 25.69
C THR A 257 21.16 21.20 24.27
N CYS A 258 20.94 22.16 23.37
CA CYS A 258 21.11 21.89 21.95
C CYS A 258 22.59 21.76 21.60
N GLN A 259 22.91 20.73 20.83
CA GLN A 259 24.28 20.47 20.40
C GLN A 259 24.47 20.62 18.89
N CYS A 260 23.62 21.41 18.24
CA CYS A 260 23.72 21.55 16.79
C CYS A 260 24.97 22.33 16.38
N GLY A 261 25.48 23.19 17.25
CA GLY A 261 26.71 23.92 17.01
C GLY A 261 26.61 25.07 16.02
N SER A 262 25.41 25.40 15.56
CA SER A 262 25.26 26.46 14.57
C SER A 262 25.50 27.82 15.19
N GLU A 263 25.96 28.76 14.35
CA GLU A 263 26.05 30.15 14.77
C GLU A 263 24.67 30.68 15.16
N LYS A 264 23.64 30.31 14.40
CA LYS A 264 22.27 30.69 14.69
C LYS A 264 21.68 29.93 15.89
N CYS A 265 22.43 29.17 16.70
CA CYS A 265 21.81 28.29 17.69
C CYS A 265 21.03 29.10 18.71
N LYS A 266 19.76 28.77 18.87
CA LYS A 266 18.87 29.44 19.80
C LYS A 266 18.65 28.65 21.09
N HIS A 267 19.21 27.45 21.20
CA HIS A 267 18.91 26.58 22.32
C HIS A 267 20.14 26.01 23.01
N SER A 268 21.33 26.49 22.65
CA SER A 268 22.53 26.09 23.37
C SER A 268 22.50 26.70 24.77
N ALA A 269 23.38 26.17 25.63
CA ALA A 269 23.56 26.75 26.97
C ALA A 269 23.89 28.24 26.88
N GLU A 270 24.82 28.59 25.99
CA GLU A 270 25.21 29.99 25.82
C GLU A 270 24.03 30.84 25.37
N ALA A 271 23.24 30.33 24.41
CA ALA A 271 22.09 31.10 23.92
C ALA A 271 21.08 31.34 25.04
N ILE A 272 20.83 30.32 25.87
CA ILE A 272 19.88 30.46 26.97
C ILE A 272 20.33 31.56 27.92
N ALA A 273 21.58 31.52 28.37
CA ALA A 273 22.08 32.50 29.32
C ALA A 273 22.03 33.91 28.74
N LEU A 274 22.58 34.11 27.54
CA LEU A 274 22.62 35.44 26.95
C LEU A 274 21.23 36.00 26.74
N GLU A 275 20.27 35.17 26.31
CA GLU A 275 18.91 35.67 26.10
C GLU A 275 18.30 36.21 27.39
N GLN A 276 18.54 35.52 28.51
CA GLN A 276 18.02 35.99 29.79
C GLN A 276 18.71 37.27 30.23
N SER A 277 19.99 37.45 29.86
CA SER A 277 20.68 38.71 30.11
C SER A 277 20.13 39.85 29.26
N ARG A 278 19.52 39.53 28.12
CA ARG A 278 18.95 40.54 27.25
C ARG A 278 17.50 40.84 27.62
N ARG B 7 -11.27 -8.30 -40.02
CA ARG B 7 -11.37 -7.25 -39.01
C ARG B 7 -10.11 -7.19 -38.14
N THR B 8 -9.59 -5.98 -37.96
CA THR B 8 -8.35 -5.78 -37.22
C THR B 8 -8.59 -5.89 -35.72
N GLU B 9 -7.55 -6.28 -35.00
CA GLU B 9 -7.58 -6.33 -33.54
C GLU B 9 -6.83 -5.10 -33.03
N LYS B 10 -7.57 -4.07 -32.62
CA LYS B 10 -6.98 -2.78 -32.30
C LYS B 10 -6.75 -2.60 -30.80
N ILE B 11 -5.59 -2.05 -30.46
CA ILE B 11 -5.26 -1.67 -29.08
C ILE B 11 -6.04 -0.42 -28.74
N ILE B 12 -7.01 -0.54 -27.82
CA ILE B 12 -7.93 0.57 -27.54
C ILE B 12 -7.69 1.19 -26.18
N CYS B 13 -6.79 0.63 -25.38
CA CYS B 13 -6.35 1.29 -24.15
C CYS B 13 -4.98 0.70 -23.81
N ARG B 14 -4.01 1.57 -23.51
CA ARG B 14 -2.67 1.08 -23.20
C ARG B 14 -2.63 0.39 -21.85
N ASP B 15 -3.41 0.88 -20.88
CA ASP B 15 -3.39 0.32 -19.54
C ASP B 15 -4.71 0.66 -18.86
N VAL B 16 -5.59 -0.34 -18.71
CA VAL B 16 -6.86 -0.10 -18.05
C VAL B 16 -6.69 0.17 -16.57
N ALA B 17 -5.52 -0.13 -16.01
CA ALA B 17 -5.23 0.11 -14.61
C ALA B 17 -4.58 1.46 -14.36
N ARG B 18 -4.39 2.26 -15.39
CA ARG B 18 -3.89 3.64 -15.26
C ARG B 18 -2.61 3.69 -14.45
N GLY B 19 -1.76 2.67 -14.63
CA GLY B 19 -0.45 2.65 -13.97
C GLY B 19 -0.45 2.22 -12.52
N TYR B 20 -1.54 1.67 -12.01
CA TYR B 20 -1.58 1.27 -10.61
C TYR B 20 -1.03 -0.13 -10.36
N GLU B 21 -0.88 -0.95 -11.39
CA GLU B 21 -0.32 -2.28 -11.21
C GLU B 21 1.17 -2.25 -11.54
N ASN B 22 1.87 -3.35 -11.20
CA ASN B 22 3.30 -3.44 -11.52
C ASN B 22 3.56 -3.38 -13.01
N VAL B 23 2.61 -3.85 -13.82
CA VAL B 23 2.74 -3.90 -15.27
C VAL B 23 1.46 -3.33 -15.89
N PRO B 24 1.50 -2.81 -17.10
CA PRO B 24 0.28 -2.38 -17.76
C PRO B 24 -0.60 -3.57 -18.15
N ILE B 25 -1.90 -3.29 -18.26
CA ILE B 25 -2.88 -4.29 -18.72
C ILE B 25 -3.63 -3.68 -19.90
N PRO B 26 -3.14 -3.83 -21.13
CA PRO B 26 -3.81 -3.20 -22.27
C PRO B 26 -5.12 -3.89 -22.57
N CYS B 27 -5.91 -3.21 -23.40
CA CYS B 27 -7.21 -3.71 -23.82
C CYS B 27 -7.23 -3.67 -25.33
N VAL B 28 -7.70 -4.76 -25.96
CA VAL B 28 -7.87 -4.85 -27.40
C VAL B 28 -9.25 -5.41 -27.70
N ASN B 29 -9.72 -5.17 -28.93
CA ASN B 29 -11.00 -5.71 -29.37
C ASN B 29 -10.88 -6.02 -30.85
N GLY B 30 -10.79 -7.30 -31.18
CA GLY B 30 -10.76 -7.70 -32.57
C GLY B 30 -12.03 -8.41 -33.01
N VAL B 31 -13.11 -8.26 -32.26
CA VAL B 31 -14.35 -8.99 -32.50
C VAL B 31 -15.48 -8.05 -32.94
N ASP B 32 -15.68 -6.95 -32.25
CA ASP B 32 -16.86 -6.14 -32.54
C ASP B 32 -16.53 -4.66 -32.31
N GLY B 33 -17.57 -3.82 -32.22
CA GLY B 33 -17.38 -2.40 -32.06
C GLY B 33 -17.47 -1.89 -30.64
N GLU B 34 -17.51 -2.77 -29.65
CA GLU B 34 -17.69 -2.35 -28.27
C GLU B 34 -16.51 -1.51 -27.80
N PRO B 35 -16.74 -0.35 -27.23
CA PRO B 35 -15.62 0.48 -26.77
C PRO B 35 -15.04 -0.07 -25.47
N CYS B 36 -13.86 0.43 -25.15
CA CYS B 36 -13.21 0.04 -23.90
C CYS B 36 -14.18 0.24 -22.73
N PRO B 37 -14.37 -0.76 -21.87
CA PRO B 37 -15.37 -0.62 -20.80
C PRO B 37 -14.98 0.49 -19.82
N GLU B 38 -15.98 1.32 -19.48
CA GLU B 38 -15.78 2.44 -18.57
C GLU B 38 -16.99 2.64 -17.65
N ASP B 39 -17.83 1.63 -17.48
CA ASP B 39 -18.96 1.69 -16.57
C ASP B 39 -18.59 1.25 -15.15
N TYR B 40 -17.34 1.44 -14.76
CA TYR B 40 -16.84 1.03 -13.46
C TYR B 40 -15.60 1.86 -13.18
N LYS B 41 -15.12 1.79 -11.95
CA LYS B 41 -13.92 2.49 -11.53
C LYS B 41 -12.83 1.45 -11.25
N TYR B 42 -11.73 1.51 -12.02
CA TYR B 42 -10.62 0.61 -11.77
C TYR B 42 -9.87 1.04 -10.52
N ILE B 43 -9.74 0.10 -9.58
CA ILE B 43 -8.97 0.29 -8.36
C ILE B 43 -8.09 -0.93 -8.18
N SER B 44 -6.88 -0.73 -7.66
CA SER B 44 -5.96 -1.84 -7.56
C SER B 44 -6.03 -2.54 -6.21
N GLU B 45 -6.65 -1.93 -5.20
CA GLU B 45 -6.85 -2.54 -3.91
C GLU B 45 -8.29 -2.37 -3.48
N ASN B 46 -8.74 -3.25 -2.58
CA ASN B 46 -10.12 -3.23 -2.14
C ASN B 46 -10.49 -1.88 -1.52
N CYS B 47 -11.74 -1.49 -1.71
CA CYS B 47 -12.25 -0.25 -1.16
C CYS B 47 -13.47 -0.53 -0.30
N GLU B 48 -13.85 0.46 0.51
CA GLU B 48 -15.10 0.39 1.23
C GLU B 48 -15.92 1.64 0.95
N THR B 49 -17.24 1.47 0.92
CA THR B 49 -18.20 2.56 0.72
C THR B 49 -19.07 2.75 1.95
N SER B 50 -18.76 2.08 3.04
CA SER B 50 -19.38 2.31 4.32
C SER B 50 -18.35 1.96 5.38
N THR B 51 -18.74 2.05 6.65
CA THR B 51 -17.77 1.81 7.71
C THR B 51 -17.49 0.31 7.80
N MET B 52 -16.37 -0.11 7.23
CA MET B 52 -15.83 -1.44 7.49
C MET B 52 -14.80 -1.37 8.62
N ASN B 53 -13.90 -0.39 8.52
CA ASN B 53 -12.86 -0.15 9.52
C ASN B 53 -12.13 -1.45 9.87
N ILE B 54 -11.33 -1.92 8.91
CA ILE B 54 -10.64 -3.19 9.04
C ILE B 54 -9.65 -3.14 10.21
N ASP B 55 -9.66 -4.20 11.04
CA ASP B 55 -8.77 -4.31 12.20
C ASP B 55 -7.31 -4.37 11.73
N ARG B 56 -6.59 -3.28 11.96
CA ARG B 56 -5.18 -3.19 11.57
C ARG B 56 -4.25 -3.03 12.77
N ASN B 57 -4.71 -3.40 13.96
CA ASN B 57 -3.91 -3.34 15.18
C ASN B 57 -2.65 -4.18 15.01
N ILE B 58 -1.49 -3.50 14.88
CA ILE B 58 -0.25 -4.21 14.59
C ILE B 58 0.11 -5.21 15.69
N THR B 59 -0.39 -5.02 16.91
CA THR B 59 -0.10 -5.96 17.99
C THR B 59 -0.99 -7.21 17.93
N HIS B 60 -2.08 -7.18 17.15
CA HIS B 60 -2.94 -8.35 16.91
C HIS B 60 -2.40 -9.28 15.84
N LEU B 61 -1.42 -8.86 15.05
CA LEU B 61 -0.92 -9.69 13.97
C LEU B 61 -0.11 -10.85 14.52
N GLN B 62 -0.43 -12.05 14.07
CA GLN B 62 0.49 -13.16 14.26
C GLN B 62 1.62 -13.01 13.26
N HIS B 63 2.85 -13.24 13.72
CA HIS B 63 4.00 -12.90 12.92
C HIS B 63 5.13 -13.85 13.29
N CYS B 64 6.17 -13.87 12.47
CA CYS B 64 7.30 -14.76 12.67
C CYS B 64 8.53 -14.01 13.17
N THR B 65 9.49 -14.76 13.70
CA THR B 65 10.75 -14.21 14.19
C THR B 65 11.94 -14.62 13.34
N CYS B 66 11.69 -15.18 12.15
CA CYS B 66 12.73 -15.64 11.24
C CYS B 66 13.79 -14.58 10.98
N VAL B 67 15.06 -15.00 11.02
CA VAL B 67 16.17 -14.16 10.60
C VAL B 67 16.72 -14.59 9.25
N ASP B 68 16.08 -15.56 8.59
CA ASP B 68 16.45 -15.96 7.24
C ASP B 68 15.42 -15.37 6.27
N ASP B 69 15.19 -16.06 5.17
CA ASP B 69 14.22 -15.63 4.17
C ASP B 69 12.87 -16.35 4.31
N CYS B 70 12.60 -16.93 5.48
CA CYS B 70 11.35 -17.62 5.76
C CYS B 70 11.14 -18.82 4.86
N SER B 71 12.21 -19.41 4.37
CA SER B 71 12.09 -20.67 3.63
C SER B 71 12.07 -21.89 4.54
N SER B 72 12.34 -21.76 5.85
CA SER B 72 12.34 -22.94 6.69
C SER B 72 10.94 -23.22 7.24
N SER B 73 10.72 -24.49 7.57
CA SER B 73 9.45 -24.94 8.15
C SER B 73 9.19 -24.37 9.54
N ASN B 74 10.19 -23.76 10.17
CA ASN B 74 10.02 -23.13 11.47
C ASN B 74 9.31 -21.77 11.39
N CYS B 75 9.14 -21.21 10.21
CA CYS B 75 8.44 -19.93 10.06
C CYS B 75 7.04 -20.02 10.64
N LEU B 76 6.71 -19.15 11.59
CA LEU B 76 5.40 -19.24 12.21
C LEU B 76 4.29 -18.95 11.20
N CYS B 77 4.57 -18.04 10.26
CA CYS B 77 3.55 -17.68 9.28
C CYS B 77 3.29 -18.82 8.30
N GLY B 78 4.35 -19.52 7.92
CA GLY B 78 4.16 -20.77 7.19
C GLY B 78 3.29 -21.76 7.95
N GLN B 79 3.56 -21.92 9.25
CA GLN B 79 2.81 -22.90 10.03
C GLN B 79 1.35 -22.52 10.20
N LEU B 80 1.02 -21.22 10.21
CA LEU B 80 -0.37 -20.83 10.23
C LEU B 80 -1.06 -21.25 8.95
N SER B 81 -0.31 -21.27 7.84
CA SER B 81 -0.78 -21.69 6.53
C SER B 81 -0.74 -23.19 6.36
N ILE B 82 -0.54 -23.94 7.44
CA ILE B 82 -0.20 -25.37 7.49
C ILE B 82 1.29 -25.54 7.21
N ARG B 83 1.72 -25.02 6.06
CA ARG B 83 3.13 -24.85 5.72
C ARG B 83 3.16 -23.69 4.74
N CYS B 84 4.34 -23.14 4.47
CA CYS B 84 4.44 -22.21 3.36
C CYS B 84 4.29 -22.99 2.06
N TRP B 85 3.36 -22.55 1.22
CA TRP B 85 3.05 -23.28 -0.01
C TRP B 85 3.75 -22.70 -1.22
N TYR B 86 4.66 -21.76 -1.02
CA TYR B 86 5.36 -21.12 -2.12
C TYR B 86 6.73 -21.76 -2.27
N ASP B 87 7.10 -22.10 -3.49
CA ASP B 87 8.46 -22.57 -3.73
C ASP B 87 9.41 -21.40 -3.87
N LYS B 88 10.67 -21.69 -4.20
CA LYS B 88 11.69 -20.66 -4.25
C LYS B 88 11.39 -19.60 -5.30
N ASP B 89 10.58 -19.92 -6.30
CA ASP B 89 10.20 -18.99 -7.35
C ASP B 89 8.88 -18.30 -7.09
N GLY B 90 8.27 -18.54 -5.93
CA GLY B 90 7.01 -17.90 -5.63
C GLY B 90 5.79 -18.60 -6.18
N ARG B 91 5.91 -19.85 -6.59
CA ARG B 91 4.78 -20.60 -7.12
C ARG B 91 4.32 -21.66 -6.12
N LEU B 92 3.00 -21.88 -6.09
CA LEU B 92 2.44 -22.95 -5.27
C LEU B 92 3.10 -24.28 -5.57
N LEU B 93 3.34 -25.06 -4.52
CA LEU B 93 3.90 -26.39 -4.67
C LEU B 93 2.93 -27.28 -5.44
N GLN B 94 3.49 -28.33 -6.05
CA GLN B 94 2.67 -29.28 -6.81
C GLN B 94 1.60 -29.93 -5.94
N GLU B 95 1.93 -30.25 -4.68
CA GLU B 95 0.98 -30.91 -3.79
C GLU B 95 -0.05 -29.97 -3.17
N PHE B 96 -0.04 -28.67 -3.53
CA PHE B 96 -1.05 -27.75 -3.05
C PHE B 96 -2.44 -28.28 -3.35
N ASN B 97 -3.32 -28.25 -2.35
CA ASN B 97 -4.68 -28.76 -2.51
C ASN B 97 -5.47 -27.78 -3.36
N LYS B 98 -5.62 -28.09 -4.65
CA LYS B 98 -6.35 -27.20 -5.54
C LYS B 98 -7.85 -27.30 -5.36
N ILE B 99 -8.33 -28.38 -4.74
CA ILE B 99 -9.76 -28.57 -4.55
C ILE B 99 -10.26 -27.69 -3.41
N GLU B 100 -9.64 -27.84 -2.23
CA GLU B 100 -9.96 -27.06 -1.04
C GLU B 100 -8.67 -26.37 -0.57
N PRO B 101 -8.32 -25.25 -1.18
CA PRO B 101 -7.08 -24.55 -0.80
C PRO B 101 -7.14 -24.08 0.65
N PRO B 102 -6.03 -24.16 1.37
CA PRO B 102 -5.99 -23.62 2.73
C PRO B 102 -5.88 -22.10 2.71
N LEU B 103 -6.13 -21.50 3.88
CA LEU B 103 -5.88 -20.08 4.05
C LEU B 103 -4.38 -19.84 4.09
N ILE B 104 -3.90 -18.90 3.29
CA ILE B 104 -2.49 -18.54 3.30
C ILE B 104 -2.31 -17.32 4.18
N PHE B 105 -1.36 -17.41 5.14
CA PHE B 105 -0.92 -16.25 5.92
C PHE B 105 0.46 -15.88 5.41
N GLU B 106 0.54 -14.81 4.64
CA GLU B 106 1.82 -14.27 4.25
C GLU B 106 2.42 -13.51 5.43
N CYS B 107 3.72 -13.26 5.34
CA CYS B 107 4.40 -12.39 6.30
C CYS B 107 3.91 -10.95 6.17
N ASN B 108 4.15 -10.18 7.23
CA ASN B 108 3.50 -8.89 7.40
C ASN B 108 4.47 -7.94 8.11
N GLN B 109 4.00 -6.72 8.39
CA GLN B 109 4.86 -5.66 8.91
C GLN B 109 5.25 -5.90 10.38
N ALA B 110 4.62 -6.84 11.06
CA ALA B 110 5.07 -7.22 12.41
C ALA B 110 6.18 -8.26 12.41
N CYS B 111 6.32 -9.03 11.33
CA CYS B 111 7.35 -10.07 11.26
C CYS B 111 8.74 -9.45 11.32
N SER B 112 9.69 -10.23 11.83
CA SER B 112 11.08 -9.77 11.87
C SER B 112 11.79 -9.91 10.53
N CYS B 113 11.19 -10.58 9.54
CA CYS B 113 11.87 -10.84 8.28
C CYS B 113 11.86 -9.59 7.36
N TRP B 114 12.54 -9.70 6.22
CA TRP B 114 12.63 -8.62 5.27
C TRP B 114 11.46 -8.67 4.29
N ARG B 115 11.21 -7.53 3.67
CA ARG B 115 10.10 -7.39 2.72
C ARG B 115 10.23 -8.32 1.52
N ASN B 116 11.41 -8.87 1.25
CA ASN B 116 11.59 -9.79 0.14
C ASN B 116 11.71 -11.25 0.60
N CYS B 117 11.15 -11.59 1.76
CA CYS B 117 11.21 -12.98 2.18
C CYS B 117 10.36 -13.83 1.24
N LYS B 118 10.52 -15.16 1.33
CA LYS B 118 9.84 -16.10 0.44
C LYS B 118 8.34 -16.20 0.66
N ASN B 119 7.77 -15.53 1.64
CA ASN B 119 6.36 -15.73 1.97
C ASN B 119 5.56 -14.45 1.72
N ARG B 120 5.74 -13.82 0.55
CA ARG B 120 5.14 -12.51 0.26
C ARG B 120 4.67 -12.40 -1.20
N VAL B 121 4.21 -13.50 -1.77
CA VAL B 121 3.91 -13.51 -3.20
C VAL B 121 2.76 -12.57 -3.54
N VAL B 122 1.61 -12.76 -2.88
CA VAL B 122 0.41 -12.03 -3.26
C VAL B 122 0.59 -10.53 -2.98
N GLN B 123 1.21 -10.20 -1.85
CA GLN B 123 1.36 -8.80 -1.51
C GLN B 123 2.32 -8.08 -2.45
N SER B 124 3.11 -8.81 -3.22
CA SER B 124 4.00 -8.16 -4.16
C SER B 124 3.34 -7.88 -5.52
N GLY B 125 2.12 -8.33 -5.73
CA GLY B 125 1.31 -7.90 -6.88
C GLY B 125 1.54 -8.62 -8.20
N ILE B 126 0.96 -8.04 -9.26
CA ILE B 126 0.92 -8.71 -10.55
C ILE B 126 2.30 -8.73 -11.18
N LYS B 127 2.70 -9.89 -11.71
CA LYS B 127 3.95 -10.00 -12.46
C LYS B 127 3.80 -10.51 -13.88
N VAL B 128 2.72 -11.20 -14.23
CA VAL B 128 2.55 -11.71 -15.57
C VAL B 128 1.90 -10.63 -16.45
N ARG B 129 2.10 -10.75 -17.76
CA ARG B 129 1.50 -9.85 -18.74
C ARG B 129 0.12 -10.37 -19.08
N LEU B 130 -0.90 -9.60 -18.71
CA LEU B 130 -2.32 -9.87 -18.97
C LEU B 130 -2.86 -8.89 -19.99
N GLN B 131 -4.00 -9.24 -20.59
CA GLN B 131 -4.64 -8.41 -21.60
C GLN B 131 -6.15 -8.51 -21.45
N LEU B 132 -6.82 -7.37 -21.41
CA LEU B 132 -8.26 -7.35 -21.48
C LEU B 132 -8.65 -7.43 -22.95
N TYR B 133 -9.50 -8.39 -23.34
CA TYR B 133 -9.79 -8.58 -24.76
C TYR B 133 -11.25 -8.97 -24.95
N ARG B 134 -11.73 -8.73 -26.16
CA ARG B 134 -13.10 -9.07 -26.52
C ARG B 134 -13.17 -10.53 -26.94
N THR B 135 -13.98 -11.31 -26.22
CA THR B 135 -14.22 -12.71 -26.56
C THR B 135 -15.30 -12.81 -27.63
N ALA B 136 -15.39 -14.00 -28.23
CA ALA B 136 -16.40 -14.26 -29.25
C ALA B 136 -17.80 -14.27 -28.65
N LYS B 137 -17.97 -14.86 -27.46
CA LYS B 137 -19.31 -15.14 -26.96
C LYS B 137 -19.58 -14.70 -25.53
N MET B 138 -18.57 -14.27 -24.78
CA MET B 138 -18.74 -14.05 -23.35
C MET B 138 -18.47 -12.60 -22.94
N GLY B 139 -18.54 -11.64 -23.86
CA GLY B 139 -18.21 -10.26 -23.53
C GLY B 139 -16.72 -10.04 -23.45
N TRP B 140 -16.28 -9.17 -22.54
CA TRP B 140 -14.87 -9.02 -22.28
C TRP B 140 -14.34 -10.22 -21.52
N GLY B 141 -13.07 -10.53 -21.74
CA GLY B 141 -12.36 -11.56 -21.00
C GLY B 141 -10.93 -11.17 -20.74
N VAL B 142 -10.21 -12.02 -20.03
CA VAL B 142 -8.80 -11.76 -19.71
C VAL B 142 -7.97 -12.92 -20.22
N ARG B 143 -6.91 -12.60 -20.97
CA ARG B 143 -6.01 -13.65 -21.44
C ARG B 143 -4.56 -13.31 -21.13
N ALA B 144 -3.73 -14.34 -21.22
CA ALA B 144 -2.30 -14.25 -20.92
C ALA B 144 -1.54 -13.86 -22.17
N LEU B 145 -0.58 -12.94 -22.02
CA LEU B 145 0.31 -12.56 -23.11
C LEU B 145 1.66 -13.24 -23.03
N GLN B 146 1.78 -14.27 -22.19
CA GLN B 146 3.01 -15.02 -22.01
C GLN B 146 2.61 -16.40 -21.53
N THR B 147 3.55 -17.34 -21.61
CA THR B 147 3.36 -18.62 -20.93
C THR B 147 3.45 -18.42 -19.42
N ILE B 148 2.62 -19.16 -18.68
CA ILE B 148 2.51 -19.03 -17.24
C ILE B 148 2.59 -20.42 -16.60
N PRO B 149 3.66 -20.73 -15.87
CA PRO B 149 3.75 -22.05 -15.23
C PRO B 149 2.64 -22.25 -14.19
N GLN B 150 2.24 -23.51 -14.02
CA GLN B 150 1.34 -23.89 -12.93
C GLN B 150 1.79 -23.30 -11.61
N GLY B 151 0.83 -22.86 -10.80
CA GLY B 151 1.10 -22.33 -9.49
C GLY B 151 1.47 -20.86 -9.43
N THR B 152 1.42 -20.14 -10.55
CA THR B 152 1.86 -18.76 -10.57
C THR B 152 0.75 -17.83 -10.10
N PHE B 153 1.11 -16.87 -9.26
CA PHE B 153 0.13 -15.84 -8.89
C PHE B 153 -0.21 -14.99 -10.12
N ILE B 154 -1.51 -14.79 -10.34
CA ILE B 154 -1.99 -14.07 -11.52
C ILE B 154 -2.44 -12.67 -11.16
N CYS B 155 -3.45 -12.55 -10.32
CA CYS B 155 -3.99 -11.26 -9.91
C CYS B 155 -4.93 -11.54 -8.75
N GLU B 156 -5.33 -10.46 -8.08
CA GLU B 156 -6.23 -10.53 -6.94
C GLU B 156 -7.65 -10.14 -7.35
N TYR B 157 -8.64 -10.75 -6.71
CA TYR B 157 -10.03 -10.33 -6.95
C TYR B 157 -10.31 -9.09 -6.10
N VAL B 158 -10.28 -7.92 -6.73
CA VAL B 158 -10.36 -6.64 -6.02
C VAL B 158 -11.70 -5.99 -6.30
N GLY B 159 -12.27 -5.37 -5.28
CA GLY B 159 -13.48 -4.58 -5.47
C GLY B 159 -13.95 -3.92 -4.18
N GLU B 160 -15.26 -3.76 -4.08
CA GLU B 160 -15.90 -3.07 -2.97
C GLU B 160 -16.25 -4.06 -1.86
N LEU B 161 -15.76 -3.80 -0.65
CA LEU B 161 -16.10 -4.65 0.50
C LEU B 161 -17.49 -4.32 0.97
N ILE B 162 -18.38 -5.32 1.01
CA ILE B 162 -19.76 -5.11 1.44
C ILE B 162 -20.20 -6.29 2.26
N SER B 163 -21.20 -6.07 3.11
CA SER B 163 -21.75 -7.14 3.91
C SER B 163 -22.61 -8.05 3.04
N ASP B 164 -22.89 -9.25 3.56
CA ASP B 164 -23.83 -10.12 2.87
C ASP B 164 -25.23 -9.52 2.81
N ALA B 165 -25.60 -8.75 3.83
CA ALA B 165 -26.90 -8.07 3.83
C ALA B 165 -26.98 -7.04 2.71
N GLU B 166 -25.92 -6.25 2.52
CA GLU B 166 -25.88 -5.31 1.41
C GLU B 166 -25.90 -6.05 0.07
N ALA B 167 -25.22 -7.20 -0.01
CA ALA B 167 -25.18 -7.94 -1.26
C ALA B 167 -26.55 -8.44 -1.66
N ASP B 168 -27.41 -8.77 -0.68
CA ASP B 168 -28.76 -9.21 -1.01
C ASP B 168 -29.61 -8.08 -1.56
N VAL B 169 -29.37 -6.85 -1.09
CA VAL B 169 -30.14 -5.71 -1.53
C VAL B 169 -29.82 -5.35 -2.98
N ARG B 170 -28.61 -5.64 -3.44
CA ARG B 170 -28.16 -5.12 -4.71
C ARG B 170 -28.71 -5.93 -5.88
N GLU B 171 -28.97 -5.24 -6.99
CA GLU B 171 -29.66 -5.85 -8.12
C GLU B 171 -28.70 -6.68 -8.99
N ASP B 172 -27.48 -6.20 -9.20
CA ASP B 172 -26.51 -6.86 -10.09
C ASP B 172 -25.50 -7.63 -9.26
N ASP B 173 -25.44 -8.95 -9.46
CA ASP B 173 -24.46 -9.80 -8.78
C ASP B 173 -23.52 -10.48 -9.77
N SER B 174 -23.38 -9.92 -10.98
CA SER B 174 -22.48 -10.48 -11.99
C SER B 174 -21.02 -10.30 -11.61
N TYR B 175 -20.71 -9.41 -10.67
CA TYR B 175 -19.32 -9.15 -10.25
C TYR B 175 -19.18 -9.33 -8.75
N LEU B 176 -19.99 -10.19 -8.17
CA LEU B 176 -20.06 -10.36 -6.73
C LEU B 176 -19.33 -11.65 -6.35
N PHE B 177 -18.30 -11.52 -5.50
CA PHE B 177 -17.54 -12.67 -5.00
C PHE B 177 -17.87 -12.84 -3.53
N ASP B 178 -18.45 -13.98 -3.17
CA ASP B 178 -18.85 -14.27 -1.80
C ASP B 178 -17.65 -14.83 -1.04
N LEU B 179 -17.27 -14.17 0.06
CA LEU B 179 -16.10 -14.65 0.79
C LEU B 179 -16.41 -15.91 1.60
N ASP B 180 -17.69 -16.13 1.95
CA ASP B 180 -18.13 -17.36 2.61
C ASP B 180 -17.34 -17.60 3.91
N ASN B 181 -17.33 -16.59 4.77
CA ASN B 181 -16.59 -16.63 6.03
C ASN B 181 -17.05 -17.78 6.94
N GLY B 184 -17.08 -15.63 11.38
CA GLY B 184 -17.96 -14.58 11.84
C GLY B 184 -19.13 -14.32 10.90
N GLU B 185 -19.28 -13.07 10.47
CA GLU B 185 -20.30 -12.69 9.51
C GLU B 185 -19.75 -12.78 8.09
N VAL B 186 -20.64 -13.13 7.16
CA VAL B 186 -20.26 -13.27 5.75
C VAL B 186 -20.12 -11.89 5.12
N TYR B 187 -19.00 -11.66 4.44
CA TYR B 187 -18.76 -10.45 3.67
C TYR B 187 -18.46 -10.83 2.23
N CYS B 188 -18.55 -9.84 1.34
CA CYS B 188 -18.40 -10.09 -0.09
C CYS B 188 -17.57 -8.98 -0.70
N ILE B 189 -17.04 -9.27 -1.88
CA ILE B 189 -16.35 -8.28 -2.70
C ILE B 189 -17.20 -8.06 -3.94
N ASP B 190 -17.75 -6.86 -4.07
CA ASP B 190 -18.55 -6.50 -5.24
C ASP B 190 -17.68 -5.68 -6.18
N ALA B 191 -17.39 -6.23 -7.36
CA ALA B 191 -16.59 -5.51 -8.34
C ALA B 191 -17.46 -4.78 -9.37
N ARG B 192 -18.75 -4.60 -9.10
CA ARG B 192 -19.61 -3.98 -10.11
C ARG B 192 -19.21 -2.53 -10.37
N TYR B 193 -19.04 -1.75 -9.32
CA TYR B 193 -18.77 -0.31 -9.46
C TYR B 193 -17.31 0.03 -9.31
N TYR B 194 -16.61 -0.65 -8.38
CA TYR B 194 -15.16 -0.56 -8.20
C TYR B 194 -14.59 -1.96 -8.34
N GLY B 195 -13.56 -2.12 -9.16
CA GLY B 195 -12.97 -3.43 -9.36
C GLY B 195 -11.66 -3.30 -10.10
N ASN B 196 -10.91 -4.41 -10.13
CA ASN B 196 -9.68 -4.48 -10.92
C ASN B 196 -9.87 -5.42 -12.11
N ILE B 197 -8.76 -5.84 -12.72
CA ILE B 197 -8.81 -6.67 -13.93
C ILE B 197 -9.61 -7.96 -13.70
N SER B 198 -9.67 -8.43 -12.45
CA SER B 198 -10.33 -9.70 -12.14
C SER B 198 -11.83 -9.69 -12.39
N ARG B 199 -12.47 -8.51 -12.40
CA ARG B 199 -13.90 -8.41 -12.69
C ARG B 199 -14.21 -8.85 -14.10
N PHE B 200 -13.20 -8.95 -14.97
CA PHE B 200 -13.42 -9.35 -16.34
C PHE B 200 -13.09 -10.81 -16.60
N ILE B 201 -12.65 -11.57 -15.58
CA ILE B 201 -12.34 -12.98 -15.78
C ILE B 201 -13.63 -13.80 -15.87
N ASN B 202 -13.79 -14.55 -16.95
CA ASN B 202 -15.01 -15.31 -17.21
C ASN B 202 -15.00 -16.66 -16.51
N HIS B 203 -16.18 -17.25 -16.40
CA HIS B 203 -16.28 -18.63 -15.93
C HIS B 203 -15.85 -19.59 -17.04
N LEU B 204 -15.01 -20.57 -16.70
CA LEU B 204 -14.69 -21.67 -17.59
C LEU B 204 -15.00 -23.00 -16.90
N CYS B 205 -15.71 -23.88 -17.63
CA CYS B 205 -15.92 -25.25 -17.17
C CYS B 205 -14.64 -26.06 -17.20
N ASP B 206 -13.65 -25.66 -18.02
CA ASP B 206 -12.32 -26.23 -17.94
C ASP B 206 -11.37 -25.16 -17.42
N PRO B 207 -11.41 -24.85 -16.13
CA PRO B 207 -10.69 -23.65 -15.63
C PRO B 207 -9.19 -23.86 -15.59
N ASN B 208 -8.46 -22.75 -15.59
CA ASN B 208 -7.01 -22.79 -15.47
C ASN B 208 -6.46 -21.90 -14.37
N ILE B 209 -7.31 -21.31 -13.53
CA ILE B 209 -6.87 -20.59 -12.34
C ILE B 209 -7.83 -20.94 -11.20
N ILE B 210 -7.33 -20.83 -9.97
CA ILE B 210 -8.14 -21.11 -8.78
C ILE B 210 -8.07 -19.92 -7.83
N PRO B 211 -9.14 -19.60 -7.11
CA PRO B 211 -9.06 -18.58 -6.05
C PRO B 211 -8.55 -19.19 -4.74
N VAL B 212 -7.75 -18.40 -4.02
CA VAL B 212 -7.17 -18.79 -2.74
C VAL B 212 -7.34 -17.65 -1.75
N ARG B 213 -7.80 -17.96 -0.54
CA ARG B 213 -7.95 -16.92 0.47
C ARG B 213 -6.61 -16.64 1.15
N VAL B 214 -6.26 -15.35 1.29
CA VAL B 214 -4.93 -14.92 1.75
C VAL B 214 -5.06 -13.78 2.75
N PHE B 215 -4.19 -13.80 3.77
CA PHE B 215 -4.04 -12.66 4.68
C PHE B 215 -2.63 -12.09 4.55
N MET B 216 -2.55 -10.76 4.58
CA MET B 216 -1.27 -10.08 4.38
C MET B 216 -1.06 -9.02 5.45
N LEU B 217 -1.47 -7.77 5.19
CA LEU B 217 -1.18 -6.68 6.12
C LEU B 217 -2.19 -6.56 7.24
N HIS B 218 -3.22 -7.39 7.24
CA HIS B 218 -4.13 -7.48 8.37
C HIS B 218 -4.53 -8.94 8.51
N GLN B 219 -5.14 -9.28 9.65
CA GLN B 219 -5.64 -10.63 9.85
C GLN B 219 -7.06 -10.58 10.40
N ASP B 220 -7.81 -9.57 9.96
CA ASP B 220 -9.23 -9.45 10.23
C ASP B 220 -9.94 -10.55 9.45
N LEU B 221 -10.42 -11.57 10.17
CA LEU B 221 -10.96 -12.77 9.53
C LEU B 221 -12.23 -12.49 8.73
N ARG B 222 -12.84 -11.32 8.91
CA ARG B 222 -13.99 -10.99 8.06
C ARG B 222 -13.59 -10.76 6.61
N PHE B 223 -12.31 -10.48 6.35
CA PHE B 223 -11.86 -9.98 5.05
C PHE B 223 -10.62 -10.71 4.54
N PRO B 224 -10.74 -12.00 4.21
CA PRO B 224 -9.70 -12.61 3.39
C PRO B 224 -9.65 -11.91 2.04
N ARG B 225 -8.48 -11.89 1.45
CA ARG B 225 -8.28 -11.35 0.10
C ARG B 225 -8.15 -12.53 -0.87
N ILE B 226 -8.77 -12.40 -2.04
CA ILE B 226 -8.84 -13.51 -2.97
C ILE B 226 -7.70 -13.42 -3.96
N ALA B 227 -6.85 -14.45 -4.00
CA ALA B 227 -5.73 -14.49 -4.93
C ALA B 227 -5.94 -15.60 -5.94
N PHE B 228 -5.74 -15.29 -7.22
CA PHE B 228 -5.85 -16.29 -8.28
C PHE B 228 -4.47 -16.80 -8.65
N PHE B 229 -4.32 -18.13 -8.61
CA PHE B 229 -3.11 -18.81 -9.05
C PHE B 229 -3.48 -19.73 -10.21
N SER B 230 -2.56 -19.84 -11.17
CA SER B 230 -2.75 -20.82 -12.24
C SER B 230 -2.76 -22.24 -11.68
N SER B 231 -3.71 -23.05 -12.16
CA SER B 231 -3.82 -24.44 -11.75
C SER B 231 -3.14 -25.40 -12.71
N ARG B 232 -2.61 -24.89 -13.83
CA ARG B 232 -1.84 -25.66 -14.79
C ARG B 232 -0.97 -24.67 -15.56
N ASP B 233 -0.02 -25.19 -16.33
CA ASP B 233 0.72 -24.35 -17.26
C ASP B 233 -0.26 -23.71 -18.24
N ILE B 234 -0.06 -22.43 -18.52
CA ILE B 234 -0.95 -21.69 -19.42
C ILE B 234 -0.15 -21.20 -20.61
N ARG B 235 -0.72 -21.32 -21.80
CA ARG B 235 -0.04 -20.93 -23.02
C ARG B 235 -0.36 -19.48 -23.37
N THR B 236 0.56 -18.84 -24.09
CA THR B 236 0.32 -17.47 -24.51
C THR B 236 -0.97 -17.40 -25.32
N GLY B 237 -1.79 -16.40 -25.03
CA GLY B 237 -3.05 -16.21 -25.72
C GLY B 237 -4.23 -16.91 -25.08
N GLU B 238 -4.01 -17.81 -24.12
CA GLU B 238 -5.11 -18.54 -23.51
C GLU B 238 -5.95 -17.63 -22.61
N GLU B 239 -7.26 -17.76 -22.74
CA GLU B 239 -8.15 -17.06 -21.81
C GLU B 239 -8.01 -17.64 -20.42
N LEU B 240 -7.92 -16.76 -19.42
CA LEU B 240 -7.95 -17.18 -18.03
C LEU B 240 -9.40 -17.28 -17.56
N GLY B 241 -9.67 -18.29 -16.74
CA GLY B 241 -11.01 -18.46 -16.22
C GLY B 241 -10.97 -19.35 -15.00
N PHE B 242 -11.93 -19.15 -14.11
CA PHE B 242 -12.09 -20.01 -12.96
C PHE B 242 -13.52 -20.52 -12.93
N ASP B 243 -13.74 -21.52 -12.09
CA ASP B 243 -15.06 -22.11 -11.91
C ASP B 243 -15.85 -21.20 -10.98
N TYR B 244 -16.85 -20.49 -11.51
CA TYR B 244 -17.69 -19.65 -10.67
C TYR B 244 -18.44 -20.43 -9.61
N GLY B 245 -18.61 -21.73 -9.80
CA GLY B 245 -19.32 -22.55 -8.84
C GLY B 245 -20.72 -22.89 -9.32
N ASP B 246 -21.20 -24.08 -8.94
CA ASP B 246 -22.55 -24.50 -9.29
C ASP B 246 -23.59 -23.52 -8.78
N ARG B 247 -23.39 -22.98 -7.57
CA ARG B 247 -24.37 -22.10 -6.96
C ARG B 247 -24.66 -20.89 -7.83
N PHE B 248 -23.61 -20.30 -8.42
CA PHE B 248 -23.79 -19.20 -9.37
C PHE B 248 -24.66 -19.64 -10.55
N TRP B 249 -24.36 -20.80 -11.13
CA TRP B 249 -25.07 -21.19 -12.34
C TRP B 249 -26.49 -21.67 -12.06
N ASP B 250 -26.73 -22.26 -10.88
CA ASP B 250 -28.10 -22.60 -10.49
C ASP B 250 -28.98 -21.37 -10.44
N ILE B 251 -28.39 -20.20 -10.22
CA ILE B 251 -29.12 -18.94 -10.27
C ILE B 251 -29.15 -18.37 -11.68
N LYS B 252 -27.99 -18.33 -12.36
CA LYS B 252 -27.90 -17.62 -13.63
C LYS B 252 -28.40 -18.45 -14.82
N SER B 253 -28.52 -19.77 -14.66
CA SER B 253 -29.02 -20.59 -15.77
C SER B 253 -30.37 -20.12 -16.26
N LYS B 254 -31.18 -19.53 -15.37
CA LYS B 254 -32.51 -19.07 -15.76
C LYS B 254 -32.44 -17.92 -16.77
N TYR B 255 -31.36 -17.15 -16.75
CA TYR B 255 -31.22 -15.95 -17.59
C TYR B 255 -30.27 -16.12 -18.75
N PHE B 256 -29.17 -16.85 -18.57
CA PHE B 256 -28.25 -17.12 -19.66
C PHE B 256 -27.51 -18.42 -19.35
N THR B 257 -26.96 -19.04 -20.38
CA THR B 257 -26.28 -20.31 -20.26
C THR B 257 -24.80 -20.14 -20.58
N CYS B 258 -24.02 -21.18 -20.29
CA CYS B 258 -22.58 -21.10 -20.42
C CYS B 258 -22.14 -21.14 -21.88
N GLN B 259 -21.18 -20.28 -22.22
CA GLN B 259 -20.66 -20.18 -23.58
C GLN B 259 -19.17 -20.50 -23.62
N CYS B 260 -18.68 -21.25 -22.62
CA CYS B 260 -17.27 -21.56 -22.58
C CYS B 260 -16.84 -22.46 -23.72
N GLY B 261 -17.76 -23.19 -24.33
CA GLY B 261 -17.46 -24.01 -25.48
C GLY B 261 -16.71 -25.28 -25.19
N SER B 262 -16.39 -25.56 -23.93
CA SER B 262 -15.67 -26.77 -23.57
C SER B 262 -16.46 -28.00 -23.98
N GLU B 263 -15.73 -29.05 -24.38
CA GLU B 263 -16.37 -30.32 -24.66
C GLU B 263 -17.00 -30.93 -23.42
N LYS B 264 -16.60 -30.48 -22.22
CA LYS B 264 -17.24 -30.92 -20.98
C LYS B 264 -17.93 -29.77 -20.26
N CYS B 265 -18.38 -28.76 -21.01
CA CYS B 265 -19.11 -27.66 -20.39
C CYS B 265 -20.35 -28.21 -19.69
N LYS B 266 -20.54 -27.80 -18.44
CA LYS B 266 -21.60 -28.32 -17.60
C LYS B 266 -22.84 -27.45 -17.58
N HIS B 267 -22.79 -26.22 -18.10
CA HIS B 267 -23.87 -25.26 -17.90
C HIS B 267 -24.36 -24.67 -19.22
N SER B 268 -24.12 -25.34 -20.33
CA SER B 268 -24.58 -24.86 -21.63
C SER B 268 -26.07 -25.14 -21.80
N ALA B 269 -26.69 -24.40 -22.72
CA ALA B 269 -28.05 -24.71 -23.13
C ALA B 269 -28.19 -26.19 -23.50
N GLU B 270 -27.21 -26.71 -24.24
CA GLU B 270 -27.23 -28.12 -24.61
C GLU B 270 -27.11 -29.03 -23.37
N ALA B 271 -26.14 -28.76 -22.51
CA ALA B 271 -25.97 -29.58 -21.31
C ALA B 271 -27.21 -29.54 -20.43
N ILE B 272 -27.82 -28.36 -20.28
CA ILE B 272 -29.04 -28.25 -19.49
C ILE B 272 -30.17 -29.04 -20.12
N ALA B 273 -30.36 -28.90 -21.44
CA ALA B 273 -31.47 -29.56 -22.11
C ALA B 273 -31.28 -31.08 -22.16
N LEU B 274 -30.03 -31.54 -22.27
CA LEU B 274 -29.77 -32.98 -22.19
C LEU B 274 -30.13 -33.51 -20.82
N GLU B 275 -29.87 -32.73 -19.76
CA GLU B 275 -30.21 -33.17 -18.42
C GLU B 275 -31.72 -33.24 -18.22
N GLN B 276 -32.45 -32.24 -18.70
CA GLN B 276 -33.91 -32.29 -18.64
C GLN B 276 -34.44 -33.51 -19.36
N SER B 277 -33.87 -33.84 -20.51
CA SER B 277 -34.31 -35.02 -21.24
C SER B 277 -33.97 -36.30 -20.47
N ARG B 278 -32.80 -36.33 -19.82
CA ARG B 278 -32.46 -37.48 -18.99
C ARG B 278 -33.42 -37.62 -17.83
N LEU B 279 -33.74 -36.51 -17.14
CA LEU B 279 -34.66 -36.58 -16.01
C LEU B 279 -36.07 -36.93 -16.45
N ALA B 280 -36.48 -36.51 -17.64
CA ALA B 280 -37.80 -36.88 -18.15
C ALA B 280 -37.83 -38.32 -18.61
N ARG B 281 -36.71 -38.85 -19.12
CA ARG B 281 -36.64 -40.26 -19.47
C ARG B 281 -36.83 -41.14 -18.25
N LEU B 282 -36.22 -40.76 -17.12
CA LEU B 282 -36.28 -41.53 -15.89
C LEU B 282 -37.44 -41.07 -15.02
#